data_1U1R
#
_entry.id   1U1R
#
_cell.length_a   50.921
_cell.length_b   50.921
_cell.length_c   170.874
_cell.angle_alpha   90.00
_cell.angle_beta   90.00
_cell.angle_gamma   90.00
#
_symmetry.space_group_name_H-M   'P 43 21 2'
#
loop_
_entity.id
_entity.type
_entity.pdbx_description
1 polymer "5'-D(*TP*AP*GP*GP*GP*TP*TP*AP*GP*(2PR)P*G)-3'"
2 polymer 'Heterogeneous nuclear ribonucleoprotein A1'
3 water water
#
loop_
_entity_poly.entity_id
_entity_poly.type
_entity_poly.pdbx_seq_one_letter_code
_entity_poly.pdbx_strand_id
1 'polydeoxyribonucleotide' (DT)(DA)(DG)(DG)(DG)(DT)(DT)(DA)(DG)(2PR)(DG) B
2 'polypeptide(L)'
;MSKSESPKEPEQLRKLFIGGLSFETTDESLRSHFEQWGTLTDCVVMRDPNTKRSRGFGFVTYATVEEVDAAMNARPHKVD
GRVVEPKRAVSREDSQRPGAHLTVKKIFVGGIKEDTEEHHLRDYFEQYGKIEVIEIMTDRGSGKKRGFAFVTFDDHDSVD
KIVIQKYHTVNGHNCEVRKALSKQEMASASSSQRGR
;
A
#
loop_
_chem_comp.id
_chem_comp.type
_chem_comp.name
_chem_comp.formula
2PR DNA linking 2-AMINO-9-[2-DEOXYRIBOFURANOSYL]-9H-PURINE-5'-MONOPHOSPHATE 'C10 H14 N5 O6 P'
DA DNA linking 2'-DEOXYADENOSINE-5'-MONOPHOSPHATE 'C10 H14 N5 O6 P'
DG DNA linking 2'-DEOXYGUANOSINE-5'-MONOPHOSPHATE 'C10 H14 N5 O7 P'
DT DNA linking THYMIDINE-5'-MONOPHOSPHATE 'C10 H15 N2 O8 P'
#
# COMPACT_ATOMS: atom_id res chain seq x y z
P 2PR A 10 -25.48 -1.78 27.45
OP1 2PR A 10 -25.26 -0.45 28.07
OP2 2PR A 10 -24.86 -2.99 28.06
O5' 2PR A 10 -27.04 -2.04 27.32
C5' 2PR A 10 -27.90 -1.06 26.75
C4' 2PR A 10 -29.19 -1.71 26.28
O4' 2PR A 10 -29.28 -2.25 24.95
C3' 2PR A 10 -30.24 -2.36 27.17
O3' 2PR A 10 -31.21 -1.48 27.76
C2' 2PR A 10 -30.65 -3.63 26.43
C1' 2PR A 10 -30.19 -3.33 25.01
N9 2PR A 10 -29.90 -4.37 24.03
C8 2PR A 10 -29.14 -5.51 24.21
N7 2PR A 10 -29.06 -6.25 23.14
C5 2PR A 10 -29.82 -5.57 22.19
C6 2PR A 10 -30.12 -5.89 20.82
N1 2PR A 10 -30.93 -4.90 20.21
C2 2PR A 10 -31.41 -3.77 20.83
N2 2PR A 10 -32.17 -2.94 20.10
N3 2PR A 10 -31.15 -3.46 22.11
C4 2PR A 10 -30.35 -4.40 22.73
N LYS B 8 -15.84 14.54 -1.96
CA LYS B 8 -14.88 14.10 -0.91
C LYS B 8 -14.77 12.59 -0.82
N GLU B 9 -13.58 12.07 -1.14
CA GLU B 9 -13.34 10.65 -1.05
C GLU B 9 -13.12 10.35 0.43
N PRO B 10 -13.14 9.06 0.83
CA PRO B 10 -12.95 8.61 2.22
C PRO B 10 -11.67 9.11 2.86
N GLU B 11 -11.77 9.49 4.13
CA GLU B 11 -10.59 9.96 4.87
C GLU B 11 -9.47 8.93 4.75
N GLN B 12 -9.78 7.66 4.92
CA GLN B 12 -8.74 6.64 4.88
C GLN B 12 -7.93 6.67 3.59
N LEU B 13 -8.57 6.96 2.48
CA LEU B 13 -7.89 7.00 1.18
C LEU B 13 -7.15 8.32 0.91
N ARG B 14 -7.41 9.32 1.74
CA ARG B 14 -6.75 10.62 1.59
C ARG B 14 -5.59 10.74 2.57
N LYS B 15 -5.32 9.67 3.32
CA LYS B 15 -4.27 9.68 4.34
C LYS B 15 -3.02 8.85 4.09
N LEU B 16 -1.88 9.40 4.49
CA LEU B 16 -0.60 8.73 4.36
C LEU B 16 0.06 8.55 5.71
N PHE B 17 0.65 7.38 5.89
CA PHE B 17 1.41 7.07 7.10
C PHE B 17 2.82 7.54 6.73
N ILE B 18 3.51 8.23 7.63
CA ILE B 18 4.87 8.70 7.36
C ILE B 18 5.78 8.06 8.41
N GLY B 19 6.61 7.11 7.99
CA GLY B 19 7.50 6.44 8.91
C GLY B 19 8.93 6.95 8.86
N GLY B 20 9.72 6.59 9.87
CA GLY B 20 11.11 7.02 9.92
C GLY B 20 11.32 8.50 10.15
N LEU B 21 10.37 9.12 10.83
CA LEU B 21 10.42 10.54 11.13
C LEU B 21 11.54 10.90 12.10
N SER B 22 12.19 12.04 11.86
CA SER B 22 13.26 12.50 12.74
C SER B 22 12.70 12.74 14.15
N PHE B 23 13.57 12.63 15.14
CA PHE B 23 13.19 12.84 16.53
C PHE B 23 12.63 14.24 16.75
N GLU B 24 13.07 15.19 15.94
CA GLU B 24 12.64 16.57 16.09
C GLU B 24 11.60 17.04 15.08
N THR B 25 10.87 16.11 14.47
CA THR B 25 9.83 16.51 13.53
C THR B 25 8.58 16.70 14.37
N THR B 26 7.83 17.76 14.07
CA THR B 26 6.60 18.07 14.81
C THR B 26 5.43 18.24 13.85
N ASP B 27 4.22 18.32 14.41
CA ASP B 27 3.04 18.50 13.59
C ASP B 27 3.32 19.64 12.61
N GLU B 28 3.94 20.70 13.13
CA GLU B 28 4.28 21.88 12.34
C GLU B 28 5.30 21.70 11.23
N SER B 29 6.43 21.06 11.53
CA SER B 29 7.47 20.84 10.52
C SER B 29 6.98 19.83 9.47
N LEU B 30 6.18 18.86 9.92
CA LEU B 30 5.65 17.86 8.99
C LEU B 30 4.68 18.54 8.03
N ARG B 31 3.78 19.36 8.56
CA ARG B 31 2.80 20.08 7.76
C ARG B 31 3.50 21.02 6.78
N SER B 32 4.57 21.64 7.26
CA SER B 32 5.31 22.56 6.43
C SER B 32 5.81 21.88 5.15
N HIS B 33 6.27 20.64 5.29
CA HIS B 33 6.79 19.90 4.14
C HIS B 33 5.72 19.39 3.18
N PHE B 34 4.81 18.59 3.72
CA PHE B 34 3.77 17.98 2.90
C PHE B 34 2.70 18.88 2.35
N GLU B 35 2.53 20.06 2.94
CA GLU B 35 1.52 20.99 2.46
C GLU B 35 1.90 21.52 1.09
N GLN B 36 3.14 21.22 0.67
CA GLN B 36 3.65 21.65 -0.64
C GLN B 36 2.96 20.93 -1.79
N TRP B 37 2.31 19.82 -1.49
CA TRP B 37 1.63 19.04 -2.52
C TRP B 37 0.10 19.09 -2.43
N GLY B 38 -0.41 19.97 -1.57
CA GLY B 38 -1.85 20.08 -1.45
C GLY B 38 -2.32 20.48 -0.07
N THR B 39 -3.60 20.78 0.06
CA THR B 39 -4.19 21.17 1.32
C THR B 39 -4.24 19.99 2.27
N LEU B 40 -3.88 20.23 3.54
CA LEU B 40 -3.91 19.17 4.54
C LEU B 40 -5.13 19.36 5.44
N THR B 41 -5.89 18.29 5.63
CA THR B 41 -7.07 18.38 6.48
C THR B 41 -6.72 17.81 7.85
N ASP B 42 -5.54 17.20 7.94
CA ASP B 42 -5.07 16.61 9.19
C ASP B 42 -3.57 16.39 9.04
N CYS B 43 -2.84 16.48 10.15
CA CYS B 43 -1.39 16.29 10.16
C CYS B 43 -1.03 16.07 11.62
N VAL B 44 -0.35 14.96 11.91
CA VAL B 44 0.00 14.67 13.29
C VAL B 44 1.21 13.77 13.50
N VAL B 45 2.01 14.11 14.50
CA VAL B 45 3.19 13.34 14.85
C VAL B 45 2.80 12.54 16.08
N MET B 46 2.98 11.23 16.01
CA MET B 46 2.63 10.35 17.12
C MET B 46 3.78 10.30 18.14
N ARG B 47 3.45 10.50 19.41
CA ARG B 47 4.47 10.46 20.47
C ARG B 47 3.96 9.76 21.72
N ASP B 48 4.88 9.37 22.59
CA ASP B 48 4.51 8.68 23.82
C ASP B 48 3.67 9.58 24.73
N PRO B 49 2.50 9.09 25.16
CA PRO B 49 1.58 9.81 26.04
C PRO B 49 2.15 10.25 27.38
N ASN B 50 3.29 9.67 27.77
CA ASN B 50 3.90 10.02 29.04
C ASN B 50 5.17 10.84 28.95
N THR B 51 6.07 10.45 28.05
CA THR B 51 7.32 11.18 27.89
C THR B 51 7.22 12.22 26.79
N LYS B 52 6.11 12.18 26.05
CA LYS B 52 5.88 13.10 24.94
C LYS B 52 6.94 12.95 23.86
N ARG B 53 7.78 11.92 24.00
CA ARG B 53 8.83 11.66 23.03
C ARG B 53 8.21 11.18 21.72
N SER B 54 8.77 11.60 20.60
CA SER B 54 8.26 11.20 19.29
C SER B 54 8.36 9.68 19.10
N ARG B 55 7.33 9.09 18.52
CA ARG B 55 7.33 7.65 18.27
C ARG B 55 7.98 7.36 16.92
N GLY B 56 8.39 8.43 16.23
CA GLY B 56 9.05 8.28 14.95
C GLY B 56 8.18 8.08 13.72
N PHE B 57 6.91 8.46 13.80
CA PHE B 57 6.01 8.31 12.67
C PHE B 57 4.80 9.20 12.87
N GLY B 58 4.03 9.41 11.82
CA GLY B 58 2.85 10.24 11.93
C GLY B 58 1.96 10.09 10.71
N PHE B 59 1.00 10.98 10.58
CA PHE B 59 0.09 10.91 9.43
C PHE B 59 -0.19 12.29 8.87
N VAL B 60 -0.44 12.34 7.57
CA VAL B 60 -0.82 13.58 6.91
C VAL B 60 -2.02 13.20 6.04
N THR B 61 -3.04 14.04 6.03
CA THR B 61 -4.22 13.76 5.23
C THR B 61 -4.47 14.94 4.31
N TYR B 62 -4.62 14.64 3.01
CA TYR B 62 -4.86 15.69 2.02
C TYR B 62 -6.36 15.84 1.74
N ALA B 63 -6.73 16.92 1.07
CA ALA B 63 -8.13 17.17 0.72
C ALA B 63 -8.62 16.25 -0.39
N THR B 64 -7.69 15.66 -1.16
CA THR B 64 -8.06 14.77 -2.26
C THR B 64 -7.05 13.65 -2.47
N VAL B 65 -7.47 12.53 -3.05
CA VAL B 65 -6.56 11.42 -3.30
C VAL B 65 -5.57 11.83 -4.40
N GLU B 66 -6.01 12.71 -5.30
CA GLU B 66 -5.13 13.17 -6.37
C GLU B 66 -3.90 13.82 -5.71
N GLU B 67 -4.13 14.54 -4.62
CA GLU B 67 -3.05 15.19 -3.91
C GLU B 67 -2.17 14.17 -3.21
N VAL B 68 -2.77 13.08 -2.74
CA VAL B 68 -1.99 12.02 -2.11
C VAL B 68 -1.09 11.43 -3.18
N ASP B 69 -1.65 11.19 -4.37
CA ASP B 69 -0.88 10.61 -5.47
C ASP B 69 0.27 11.54 -5.86
N ALA B 70 0.04 12.86 -5.85
CA ALA B 70 1.11 13.80 -6.19
C ALA B 70 2.24 13.67 -5.16
N ALA B 71 1.88 13.60 -3.89
CA ALA B 71 2.87 13.47 -2.83
C ALA B 71 3.72 12.22 -3.04
N MET B 72 3.07 11.09 -3.30
CA MET B 72 3.81 9.85 -3.51
C MET B 72 4.69 9.88 -4.78
N ASN B 73 4.26 10.60 -5.80
CA ASN B 73 5.06 10.67 -7.02
C ASN B 73 6.27 11.60 -6.80
N ALA B 74 6.34 12.22 -5.62
CA ALA B 74 7.43 13.13 -5.28
C ALA B 74 8.51 12.50 -4.40
N ARG B 75 8.47 11.18 -4.25
CA ARG B 75 9.49 10.49 -3.46
C ARG B 75 10.82 10.68 -4.20
N PRO B 76 11.94 10.68 -3.48
CA PRO B 76 12.12 10.50 -2.04
C PRO B 76 11.72 11.76 -1.27
N HIS B 77 11.22 11.56 -0.05
CA HIS B 77 10.81 12.66 0.80
C HIS B 77 11.76 12.84 1.98
N LYS B 78 12.28 14.06 2.12
CA LYS B 78 13.19 14.38 3.20
C LYS B 78 12.52 15.40 4.11
N VAL B 79 12.38 15.05 5.38
CA VAL B 79 11.73 15.95 6.33
C VAL B 79 12.69 16.24 7.47
N ASP B 80 12.95 17.52 7.71
CA ASP B 80 13.87 17.91 8.78
C ASP B 80 15.22 17.23 8.65
N GLY B 81 15.72 17.15 7.42
CA GLY B 81 17.01 16.54 7.17
C GLY B 81 17.08 15.02 7.24
N ARG B 82 15.93 14.37 7.33
CA ARG B 82 15.86 12.92 7.42
C ARG B 82 14.97 12.38 6.29
N VAL B 83 15.42 11.32 5.62
CA VAL B 83 14.61 10.74 4.56
C VAL B 83 13.56 9.91 5.29
N VAL B 84 12.29 10.19 5.03
CA VAL B 84 11.20 9.48 5.68
C VAL B 84 10.57 8.48 4.72
N GLU B 85 9.63 7.66 5.21
CA GLU B 85 8.99 6.69 4.33
C GLU B 85 7.46 6.82 4.32
N PRO B 86 6.92 7.53 3.32
CA PRO B 86 5.47 7.72 3.17
C PRO B 86 4.86 6.44 2.64
N LYS B 87 3.68 6.08 3.17
CA LYS B 87 2.99 4.88 2.74
C LYS B 87 1.49 5.11 2.81
N ARG B 88 0.73 4.45 1.94
CA ARG B 88 -0.73 4.60 1.99
C ARG B 88 -1.13 4.14 3.39
N ALA B 89 -2.06 4.85 4.03
CA ALA B 89 -2.50 4.48 5.37
C ALA B 89 -3.41 3.26 5.35
N VAL B 90 -3.02 2.23 6.10
CA VAL B 90 -3.81 1.00 6.21
C VAL B 90 -4.77 1.17 7.37
N SER B 91 -6.06 0.90 7.15
CA SER B 91 -7.05 1.06 8.22
C SER B 91 -6.73 0.25 9.47
N ARG B 92 -7.23 0.71 10.61
CA ARG B 92 -6.99 0.00 11.86
C ARG B 92 -7.47 -1.44 11.74
N GLU B 93 -8.59 -1.66 11.06
CA GLU B 93 -9.11 -3.03 10.86
C GLU B 93 -8.13 -3.87 10.02
N ASP B 94 -7.68 -3.32 8.89
CA ASP B 94 -6.77 -4.08 8.04
C ASP B 94 -5.39 -4.28 8.67
N SER B 95 -5.02 -3.37 9.56
CA SER B 95 -3.73 -3.42 10.23
C SER B 95 -3.61 -4.62 11.15
N GLN B 96 -4.74 -5.29 11.36
CA GLN B 96 -4.77 -6.47 12.23
C GLN B 96 -4.36 -7.69 11.42
N ARG B 97 -4.37 -7.54 10.10
CA ARG B 97 -4.00 -8.63 9.21
C ARG B 97 -2.50 -8.83 9.13
N PRO B 98 -2.07 -10.11 9.08
CA PRO B 98 -0.65 -10.45 9.00
C PRO B 98 -0.01 -9.81 7.77
N GLY B 99 1.14 -9.17 7.98
CA GLY B 99 1.86 -8.54 6.88
C GLY B 99 1.23 -7.32 6.25
N ALA B 100 0.15 -6.82 6.84
CA ALA B 100 -0.53 -5.65 6.31
C ALA B 100 0.38 -4.43 6.11
N HIS B 101 1.42 -4.31 6.93
CA HIS B 101 2.33 -3.17 6.85
C HIS B 101 3.67 -3.44 6.17
N LEU B 102 3.79 -4.60 5.53
CA LEU B 102 5.02 -4.94 4.84
C LEU B 102 5.24 -4.10 3.58
N THR B 103 6.49 -3.85 3.27
CA THR B 103 6.81 -3.11 2.05
C THR B 103 7.09 -4.24 1.06
N VAL B 104 6.16 -4.48 0.14
CA VAL B 104 6.31 -5.54 -0.85
C VAL B 104 5.90 -5.06 -2.25
N LYS B 105 6.43 -5.72 -3.28
CA LYS B 105 6.14 -5.37 -4.65
C LYS B 105 5.25 -6.40 -5.33
N LYS B 106 4.92 -7.46 -4.59
CA LYS B 106 4.13 -8.55 -5.13
C LYS B 106 2.80 -8.76 -4.43
N ILE B 107 1.75 -9.05 -5.20
CA ILE B 107 0.43 -9.30 -4.65
C ILE B 107 -0.07 -10.70 -4.99
N PHE B 108 -0.87 -11.24 -4.08
CA PHE B 108 -1.52 -12.53 -4.23
C PHE B 108 -2.91 -12.15 -4.75
N VAL B 109 -3.35 -12.78 -5.84
CA VAL B 109 -4.67 -12.50 -6.40
C VAL B 109 -5.41 -13.83 -6.32
N GLY B 110 -6.43 -13.90 -5.46
CA GLY B 110 -7.16 -15.14 -5.27
C GLY B 110 -8.58 -15.18 -5.77
N GLY B 111 -8.98 -16.35 -6.26
CA GLY B 111 -10.33 -16.53 -6.75
C GLY B 111 -10.51 -16.14 -8.20
N ILE B 112 -9.56 -16.49 -9.05
CA ILE B 112 -9.68 -16.17 -10.47
C ILE B 112 -10.16 -17.40 -11.23
N LYS B 113 -11.00 -17.16 -12.25
CA LYS B 113 -11.55 -18.24 -13.06
C LYS B 113 -10.46 -19.06 -13.71
N GLU B 114 -10.79 -20.33 -13.98
CA GLU B 114 -9.87 -21.27 -14.61
C GLU B 114 -9.36 -20.78 -15.96
N ASP B 115 -10.21 -20.09 -16.71
CA ASP B 115 -9.81 -19.62 -18.03
C ASP B 115 -9.09 -18.27 -17.98
N THR B 116 -8.72 -17.83 -16.79
CA THR B 116 -8.02 -16.56 -16.69
C THR B 116 -6.64 -16.65 -17.32
N GLU B 117 -6.32 -15.64 -18.13
CA GLU B 117 -5.04 -15.57 -18.82
C GLU B 117 -4.33 -14.28 -18.41
N GLU B 118 -3.02 -14.24 -18.60
CA GLU B 118 -2.23 -13.08 -18.20
C GLU B 118 -2.77 -11.72 -18.63
N HIS B 119 -3.27 -11.61 -19.86
CA HIS B 119 -3.80 -10.33 -20.30
C HIS B 119 -4.98 -9.88 -19.41
N HIS B 120 -5.70 -10.84 -18.84
CA HIS B 120 -6.82 -10.48 -17.97
C HIS B 120 -6.25 -9.71 -16.77
N LEU B 121 -5.15 -10.21 -16.22
CA LEU B 121 -4.52 -9.56 -15.07
C LEU B 121 -3.91 -8.21 -15.47
N ARG B 122 -3.28 -8.15 -16.63
CA ARG B 122 -2.68 -6.90 -17.12
C ARG B 122 -3.69 -5.79 -17.32
N ASP B 123 -4.79 -6.14 -17.99
CA ASP B 123 -5.86 -5.17 -18.28
C ASP B 123 -6.29 -4.40 -17.04
N TYR B 124 -6.42 -5.10 -15.92
CA TYR B 124 -6.85 -4.47 -14.68
C TYR B 124 -5.73 -3.84 -13.87
N PHE B 125 -4.66 -4.59 -13.65
CA PHE B 125 -3.55 -4.12 -12.82
C PHE B 125 -2.58 -3.08 -13.37
N GLU B 126 -2.43 -2.99 -14.68
CA GLU B 126 -1.50 -2.01 -15.23
C GLU B 126 -1.91 -0.59 -14.86
N GLN B 127 -3.19 -0.38 -14.61
CA GLN B 127 -3.68 0.94 -14.25
C GLN B 127 -3.00 1.42 -12.97
N TYR B 128 -2.47 0.48 -12.19
CA TYR B 128 -1.83 0.80 -10.91
C TYR B 128 -0.31 0.96 -10.92
N GLY B 129 0.34 0.55 -12.00
CA GLY B 129 1.78 0.68 -12.06
C GLY B 129 2.42 -0.24 -13.09
N LYS B 130 3.75 -0.15 -13.19
CA LYS B 130 4.51 -0.97 -14.13
C LYS B 130 4.66 -2.39 -13.62
N ILE B 131 4.08 -3.34 -14.35
CA ILE B 131 4.15 -4.74 -13.96
C ILE B 131 5.45 -5.39 -14.43
N GLU B 132 6.12 -6.10 -13.53
CA GLU B 132 7.35 -6.79 -13.86
C GLU B 132 7.14 -8.28 -14.15
N VAL B 133 6.28 -8.93 -13.37
CA VAL B 133 6.02 -10.36 -13.57
C VAL B 133 4.59 -10.76 -13.23
N ILE B 134 4.05 -11.70 -14.00
CA ILE B 134 2.70 -12.21 -13.77
C ILE B 134 2.85 -13.72 -13.71
N GLU B 135 2.27 -14.35 -12.70
CA GLU B 135 2.37 -15.80 -12.54
C GLU B 135 1.02 -16.40 -12.18
N ILE B 136 0.40 -17.12 -13.11
CA ILE B 136 -0.88 -17.78 -12.86
C ILE B 136 -0.51 -19.20 -12.42
N MET B 137 -0.89 -19.56 -11.20
CA MET B 137 -0.51 -20.85 -10.65
C MET B 137 -1.31 -22.07 -11.09
N THR B 138 -0.57 -23.15 -11.32
CA THR B 138 -1.13 -24.44 -11.72
C THR B 138 -0.53 -25.51 -10.80
N ASP B 139 -1.21 -26.64 -10.70
CA ASP B 139 -0.72 -27.72 -9.85
C ASP B 139 0.50 -28.38 -10.47
N ARG B 140 1.47 -28.70 -9.61
CA ARG B 140 2.70 -29.35 -10.05
C ARG B 140 2.42 -30.78 -10.52
N GLY B 141 2.53 -31.02 -11.82
CA GLY B 141 2.29 -32.35 -12.33
C GLY B 141 0.87 -32.61 -12.82
N SER B 142 -0.09 -31.88 -12.27
CA SER B 142 -1.49 -32.01 -12.66
C SER B 142 -1.79 -31.11 -13.84
N GLY B 143 -1.19 -29.92 -13.83
CA GLY B 143 -1.41 -28.96 -14.90
C GLY B 143 -2.66 -28.14 -14.62
N LYS B 144 -3.46 -28.61 -13.68
CA LYS B 144 -4.70 -27.94 -13.29
C LYS B 144 -4.45 -26.54 -12.74
N LYS B 145 -5.35 -25.61 -13.10
CA LYS B 145 -5.25 -24.24 -12.62
C LYS B 145 -5.64 -24.26 -11.15
N ARG B 146 -4.93 -23.49 -10.33
CA ARG B 146 -5.24 -23.48 -8.90
C ARG B 146 -6.16 -22.35 -8.45
N GLY B 147 -6.51 -21.45 -9.37
CA GLY B 147 -7.41 -20.36 -9.02
C GLY B 147 -6.80 -19.13 -8.37
N PHE B 148 -5.49 -18.93 -8.55
CA PHE B 148 -4.83 -17.76 -7.98
C PHE B 148 -3.57 -17.42 -8.76
N ALA B 149 -3.07 -16.21 -8.57
CA ALA B 149 -1.89 -15.75 -9.27
C ALA B 149 -1.11 -14.73 -8.44
N PHE B 150 0.07 -14.38 -8.94
CA PHE B 150 0.95 -13.39 -8.32
C PHE B 150 1.30 -12.34 -9.35
N VAL B 151 1.31 -11.09 -8.93
CA VAL B 151 1.68 -10.02 -9.84
C VAL B 151 2.70 -9.16 -9.13
N THR B 152 3.83 -8.93 -9.80
CA THR B 152 4.89 -8.13 -9.22
C THR B 152 5.00 -6.82 -9.96
N PHE B 153 5.12 -5.72 -9.21
CA PHE B 153 5.24 -4.37 -9.77
C PHE B 153 6.65 -3.83 -9.50
N ASP B 154 6.95 -2.66 -10.03
CA ASP B 154 8.26 -2.04 -9.84
C ASP B 154 8.25 -1.03 -8.68
N ASP B 155 7.07 -0.77 -8.13
CA ASP B 155 6.93 0.19 -7.03
C ASP B 155 6.03 -0.40 -5.94
N HIS B 156 6.51 -0.42 -4.69
CA HIS B 156 5.71 -0.97 -3.59
C HIS B 156 4.42 -0.17 -3.41
N ASP B 157 4.42 1.09 -3.84
CA ASP B 157 3.23 1.91 -3.71
C ASP B 157 2.09 1.41 -4.61
N SER B 158 2.44 0.78 -5.74
CA SER B 158 1.41 0.24 -6.63
C SER B 158 0.64 -0.83 -5.84
N VAL B 159 1.39 -1.65 -5.10
CA VAL B 159 0.79 -2.69 -4.29
C VAL B 159 -0.06 -2.07 -3.18
N ASP B 160 0.50 -1.10 -2.47
CA ASP B 160 -0.25 -0.45 -1.39
C ASP B 160 -1.53 0.19 -1.90
N LYS B 161 -1.45 0.85 -3.05
CA LYS B 161 -2.62 1.49 -3.65
C LYS B 161 -3.72 0.49 -3.96
N ILE B 162 -3.31 -0.71 -4.38
CA ILE B 162 -4.23 -1.77 -4.71
C ILE B 162 -4.90 -2.41 -3.50
N VAL B 163 -4.09 -2.90 -2.56
CA VAL B 163 -4.65 -3.62 -1.42
C VAL B 163 -5.56 -2.80 -0.51
N ILE B 164 -5.44 -1.48 -0.51
CA ILE B 164 -6.31 -0.65 0.32
C ILE B 164 -7.72 -0.61 -0.27
N GLN B 165 -7.87 -0.87 -1.57
CA GLN B 165 -9.20 -0.89 -2.20
C GLN B 165 -9.86 -2.23 -1.88
N LYS B 166 -11.18 -2.28 -1.84
CA LYS B 166 -11.84 -3.54 -1.51
C LYS B 166 -12.08 -4.49 -2.66
N TYR B 167 -12.53 -3.96 -3.79
CA TYR B 167 -12.86 -4.78 -4.94
C TYR B 167 -11.91 -4.62 -6.12
N HIS B 168 -11.71 -5.73 -6.84
CA HIS B 168 -10.85 -5.76 -8.01
C HIS B 168 -11.48 -6.75 -8.96
N THR B 169 -11.76 -6.29 -10.18
CA THR B 169 -12.41 -7.12 -11.20
C THR B 169 -11.43 -7.59 -12.26
N VAL B 170 -11.31 -8.90 -12.38
CA VAL B 170 -10.39 -9.55 -13.32
C VAL B 170 -11.13 -10.66 -14.05
N ASN B 171 -11.05 -10.65 -15.37
CA ASN B 171 -11.71 -11.67 -16.17
C ASN B 171 -13.21 -11.69 -15.81
N GLY B 172 -13.77 -10.49 -15.74
CA GLY B 172 -15.19 -10.32 -15.47
C GLY B 172 -15.71 -10.47 -14.05
N HIS B 173 -14.89 -10.93 -13.13
CA HIS B 173 -15.37 -11.13 -11.76
C HIS B 173 -14.43 -10.63 -10.67
N ASN B 174 -15.01 -10.36 -9.50
CA ASN B 174 -14.22 -9.87 -8.38
C ASN B 174 -13.22 -10.93 -7.93
N CYS B 175 -12.05 -10.46 -7.50
CA CYS B 175 -11.02 -11.36 -6.97
C CYS B 175 -10.48 -10.67 -5.73
N GLU B 176 -9.93 -11.46 -4.80
CA GLU B 176 -9.37 -10.90 -3.58
C GLU B 176 -7.89 -10.65 -3.79
N VAL B 177 -7.40 -9.51 -3.33
CA VAL B 177 -6.00 -9.16 -3.52
C VAL B 177 -5.33 -8.81 -2.19
N ARG B 178 -4.23 -9.48 -1.90
CA ARG B 178 -3.51 -9.23 -0.65
C ARG B 178 -2.04 -9.10 -0.95
N LYS B 179 -1.29 -8.59 0.03
CA LYS B 179 0.15 -8.48 -0.14
C LYS B 179 0.66 -9.91 -0.09
N ALA B 180 1.63 -10.25 -0.96
CA ALA B 180 2.16 -11.61 -0.99
C ALA B 180 3.08 -11.87 0.19
N LEU B 181 2.80 -12.96 0.92
CA LEU B 181 3.62 -13.38 2.05
C LEU B 181 4.35 -14.67 1.70
N SER B 182 5.60 -14.78 2.14
CA SER B 182 6.39 -15.99 1.87
C SER B 182 5.77 -17.16 2.61
N LYS B 183 6.18 -18.37 2.26
CA LYS B 183 5.65 -19.56 2.92
C LYS B 183 5.88 -19.49 4.43
N GLN B 184 7.05 -18.96 4.81
CA GLN B 184 7.40 -18.83 6.22
C GLN B 184 6.59 -17.76 6.94
N GLU B 185 6.36 -16.63 6.28
CA GLU B 185 5.62 -15.54 6.91
C GLU B 185 4.20 -15.99 7.28
N MET B 186 3.53 -16.65 6.35
CA MET B 186 2.18 -17.12 6.61
C MET B 186 2.15 -18.19 7.68
N ALA B 187 3.18 -19.04 7.68
CA ALA B 187 3.30 -20.10 8.67
C ALA B 187 3.32 -19.48 10.07
N SER B 188 3.99 -18.34 10.19
CA SER B 188 4.08 -17.64 11.47
C SER B 188 2.74 -16.95 11.75
N ALA B 189 1.92 -16.82 10.71
CA ALA B 189 0.62 -16.18 10.82
C ALA B 189 -0.52 -17.19 10.67
N SER B 190 -0.14 -18.46 10.58
CA SER B 190 -1.12 -19.54 10.44
C SER B 190 -1.28 -20.27 11.77
#